data_9H1F
#
_entry.id   9H1F
#
_cell.length_a   121.575
_cell.length_b   121.575
_cell.length_c   52.346
_cell.angle_alpha   90.000
_cell.angle_beta   90.000
_cell.angle_gamma   90.000
#
_symmetry.space_group_name_H-M   'P 4 21 2'
#
loop_
_entity.id
_entity.type
_entity.pdbx_description
1 polymer Cofilin-1
2 polymer SybodyB12
3 water water
#
loop_
_entity_poly.entity_id
_entity_poly.type
_entity_poly.pdbx_seq_one_letter_code
_entity_poly.pdbx_strand_id
1 'polypeptide(L)'
;SNIGSGSMASGVAVSDGVIKVFNDMKVRKSSTPEEVKKRKKAVLFCLSEDKKNIILEEGKEILVGDVGQTVDDPYATFVK
MLPDKDCRYALYDATYETKESKKEDLVFIFWAPESAPLKSKMIYASSKDAIKKKLTGIKHELQANCYEEVKDRCTLAEKL
GGSAVISLEGKPL
;
A
2 'polypeptide(L)'
;GHQVQLVESGGGLVQAGGSLRLSCAASGFPVNHRTMAWYRQAPGKEREWVAAIESHGQETWYADSVKGRFTISRDNAKNT
VYLQMNSLKPEDTAVYYCVRVGAEYVGQGTQVTVSA
;
B
#
# COMPACT_ATOMS: atom_id res chain seq x y z
N VAL A 12 5.65 -14.39 0.54
CA VAL A 12 4.47 -14.55 -0.29
C VAL A 12 4.90 -14.58 -1.75
N ALA A 13 4.53 -15.63 -2.47
CA ALA A 13 4.82 -15.77 -3.89
C ALA A 13 3.74 -15.08 -4.73
N VAL A 14 4.12 -14.72 -5.96
CA VAL A 14 3.21 -14.16 -6.94
C VAL A 14 2.89 -15.24 -7.97
N SER A 15 1.61 -15.52 -8.18
CA SER A 15 1.25 -16.62 -9.05
C SER A 15 1.56 -16.32 -10.51
N ASP A 16 1.68 -17.40 -11.30
CA ASP A 16 1.85 -17.28 -12.74
C ASP A 16 0.74 -16.43 -13.35
N GLY A 17 -0.50 -16.62 -12.89
CA GLY A 17 -1.62 -15.90 -13.45
C GLY A 17 -1.47 -14.40 -13.35
N VAL A 18 -1.05 -13.92 -12.18
CA VAL A 18 -0.79 -12.50 -12.01
C VAL A 18 0.30 -12.03 -12.97
N ILE A 19 1.34 -12.85 -13.16
CA ILE A 19 2.42 -12.49 -14.08
C ILE A 19 1.89 -12.39 -15.51
N LYS A 20 1.09 -13.37 -15.93
CA LYS A 20 0.51 -13.36 -17.27
C LYS A 20 -0.42 -12.17 -17.48
N VAL A 21 -1.32 -11.92 -16.52
CA VAL A 21 -2.30 -10.86 -16.70
C VAL A 21 -1.60 -9.50 -16.81
N PHE A 22 -0.60 -9.25 -15.97
CA PHE A 22 0.11 -7.99 -16.08
C PHE A 22 0.73 -7.84 -17.45
N ASN A 23 1.44 -8.86 -17.91
CA ASN A 23 2.09 -8.76 -19.20
C ASN A 23 1.09 -8.59 -20.32
N ASP A 24 -0.11 -9.16 -20.19
CA ASP A 24 -1.13 -8.92 -21.20
C ASP A 24 -1.63 -7.48 -21.17
N MET A 25 -1.66 -6.86 -19.98
CA MET A 25 -2.15 -5.49 -19.87
C MET A 25 -1.11 -4.45 -20.25
N LYS A 26 0.18 -4.80 -20.21
CA LYS A 26 1.26 -3.87 -20.56
C LYS A 26 1.09 -3.31 -21.98
N THR A 32 -7.20 -8.49 -33.48
CA THR A 32 -8.54 -8.92 -33.89
C THR A 32 -9.59 -8.37 -32.93
N PRO A 33 -10.73 -7.95 -33.46
CA PRO A 33 -11.76 -7.38 -32.59
C PRO A 33 -12.18 -8.30 -31.46
N GLU A 34 -12.32 -9.60 -31.72
CA GLU A 34 -12.71 -10.52 -30.66
C GLU A 34 -11.62 -10.65 -29.61
N GLU A 35 -10.36 -10.67 -30.02
CA GLU A 35 -9.29 -10.77 -29.04
C GLU A 35 -9.19 -9.50 -28.21
N VAL A 36 -9.46 -8.34 -28.80
CA VAL A 36 -9.35 -7.10 -28.05
C VAL A 36 -10.41 -7.03 -26.96
N LYS A 37 -11.61 -7.56 -27.24
CA LYS A 37 -12.68 -7.58 -26.25
C LYS A 37 -12.33 -8.39 -25.01
N LYS A 38 -11.38 -9.33 -25.11
CA LYS A 38 -11.00 -10.16 -23.97
C LYS A 38 -9.88 -9.53 -23.12
N ARG A 39 -9.28 -8.44 -23.58
CA ARG A 39 -8.28 -7.73 -22.78
C ARG A 39 -8.91 -7.21 -21.49
N LYS A 40 -8.10 -7.17 -20.42
CA LYS A 40 -8.59 -6.67 -19.15
C LYS A 40 -8.61 -5.15 -19.14
N LYS A 41 -9.67 -4.60 -18.55
CA LYS A 41 -9.71 -3.18 -18.21
C LYS A 41 -9.31 -2.95 -16.77
N ALA A 42 -9.75 -3.85 -15.88
CA ALA A 42 -9.37 -3.83 -14.48
C ALA A 42 -9.34 -5.26 -13.99
N VAL A 43 -8.47 -5.55 -13.02
CA VAL A 43 -8.37 -6.88 -12.42
C VAL A 43 -7.98 -6.74 -10.95
N LEU A 44 -8.54 -7.60 -10.12
CA LEU A 44 -8.23 -7.61 -8.70
C LEU A 44 -7.38 -8.83 -8.38
N PHE A 45 -6.44 -8.67 -7.43
CA PHE A 45 -5.59 -9.72 -6.89
C PHE A 45 -5.81 -9.85 -5.39
N CYS A 46 -5.74 -11.10 -4.90
CA CYS A 46 -5.94 -11.34 -3.48
C CYS A 46 -4.97 -12.41 -3.01
N LEU A 47 -4.91 -12.60 -1.69
CA LEU A 47 -4.16 -13.69 -1.11
C LEU A 47 -4.86 -15.02 -1.35
N SER A 48 -4.08 -16.07 -1.58
CA SER A 48 -4.61 -17.43 -1.63
C SER A 48 -5.09 -17.85 -0.23
N GLU A 49 -5.74 -19.02 -0.17
CA GLU A 49 -6.32 -19.46 1.10
C GLU A 49 -5.25 -19.61 2.18
N ASP A 50 -4.11 -20.20 1.83
CA ASP A 50 -3.04 -20.37 2.81
C ASP A 50 -2.24 -19.09 3.04
N LYS A 51 -2.60 -18.01 2.37
CA LYS A 51 -1.98 -16.69 2.51
C LYS A 51 -0.50 -16.71 2.12
N LYS A 52 -0.09 -17.65 1.28
CA LYS A 52 1.29 -17.75 0.83
C LYS A 52 1.50 -17.35 -0.61
N ASN A 53 0.43 -16.97 -1.31
CA ASN A 53 0.48 -16.66 -2.73
C ASN A 53 -0.48 -15.51 -3.01
N ILE A 54 -0.09 -14.66 -3.96
CA ILE A 54 -0.95 -13.61 -4.49
C ILE A 54 -1.51 -14.13 -5.81
N ILE A 55 -2.84 -14.18 -5.94
CA ILE A 55 -3.51 -14.83 -7.06
C ILE A 55 -4.54 -13.87 -7.66
N LEU A 56 -4.98 -14.21 -8.87
CA LEU A 56 -6.14 -13.53 -9.46
C LEU A 56 -7.38 -13.83 -8.65
N GLU A 57 -8.16 -12.81 -8.35
CA GLU A 57 -9.43 -13.03 -7.66
C GLU A 57 -10.49 -13.38 -8.70
N GLU A 58 -11.01 -14.60 -8.61
CA GLU A 58 -11.89 -15.13 -9.65
C GLU A 58 -13.08 -14.22 -9.91
N GLY A 59 -13.30 -13.91 -11.19
CA GLY A 59 -14.45 -13.13 -11.59
C GLY A 59 -14.39 -11.65 -11.29
N LYS A 60 -13.38 -11.18 -10.56
CA LYS A 60 -13.31 -9.78 -10.13
C LYS A 60 -12.43 -8.99 -11.08
N GLU A 61 -13.01 -8.78 -12.26
CA GLU A 61 -12.33 -8.10 -13.35
C GLU A 61 -13.39 -7.46 -14.22
N ILE A 62 -12.95 -6.49 -15.01
CA ILE A 62 -13.73 -5.90 -16.09
C ILE A 62 -12.97 -6.12 -17.37
N LEU A 63 -13.64 -6.64 -18.40
CA LEU A 63 -13.03 -6.78 -19.70
C LEU A 63 -13.38 -5.59 -20.60
N VAL A 64 -12.49 -5.32 -21.55
CA VAL A 64 -12.72 -4.27 -22.52
C VAL A 64 -14.06 -4.49 -23.22
N GLY A 65 -14.37 -5.74 -23.56
CA GLY A 65 -15.63 -6.04 -24.22
C GLY A 65 -16.85 -5.88 -23.33
N ASP A 66 -16.67 -5.78 -22.00
CA ASP A 66 -17.78 -5.50 -21.09
C ASP A 66 -18.26 -4.06 -21.22
N VAL A 67 -17.35 -3.15 -21.57
CA VAL A 67 -17.63 -1.73 -21.50
C VAL A 67 -18.51 -1.35 -22.68
N GLY A 68 -19.68 -0.75 -22.40
CA GLY A 68 -20.70 -0.54 -23.40
C GLY A 68 -21.70 -1.67 -23.55
N GLN A 69 -21.46 -2.82 -22.91
CA GLN A 69 -22.40 -3.95 -22.94
C GLN A 69 -23.06 -4.19 -21.58
N THR A 70 -22.29 -4.53 -20.56
CA THR A 70 -22.80 -4.68 -19.21
C THR A 70 -22.20 -3.69 -18.24
N VAL A 71 -21.21 -2.91 -18.67
CA VAL A 71 -20.49 -1.98 -17.81
C VAL A 71 -20.53 -0.62 -18.49
N ASP A 72 -21.09 0.37 -17.80
CA ASP A 72 -21.24 1.70 -18.36
C ASP A 72 -20.13 2.65 -17.85
N ASP A 73 -19.74 2.49 -16.59
CA ASP A 73 -18.71 3.32 -15.95
C ASP A 73 -17.73 2.33 -15.31
N PRO A 74 -16.64 1.97 -16.01
CA PRO A 74 -15.78 0.91 -15.47
C PRO A 74 -15.12 1.28 -14.15
N TYR A 75 -14.75 2.54 -13.93
CA TYR A 75 -14.12 2.86 -12.65
C TYR A 75 -15.11 2.70 -11.50
N ALA A 76 -16.35 3.14 -11.70
CA ALA A 76 -17.35 2.96 -10.65
C ALA A 76 -17.62 1.48 -10.40
N THR A 77 -17.64 0.68 -11.46
CA THR A 77 -17.85 -0.76 -11.25
C THR A 77 -16.65 -1.39 -10.56
N PHE A 78 -15.44 -0.97 -10.93
CA PHE A 78 -14.24 -1.40 -10.21
C PHE A 78 -14.36 -1.14 -8.72
N VAL A 79 -14.73 0.09 -8.34
CA VAL A 79 -14.85 0.43 -6.91
C VAL A 79 -15.87 -0.45 -6.22
N LYS A 80 -16.97 -0.80 -6.92
CA LYS A 80 -18.00 -1.65 -6.32
C LYS A 80 -17.49 -3.06 -6.04
N MET A 81 -16.40 -3.46 -6.68
CA MET A 81 -15.86 -4.80 -6.44
C MET A 81 -14.85 -4.83 -5.29
N LEU A 82 -14.46 -3.67 -4.75
CA LEU A 82 -13.52 -3.65 -3.62
C LEU A 82 -14.23 -4.09 -2.34
N PRO A 83 -13.65 -5.00 -1.54
CA PRO A 83 -14.30 -5.43 -0.30
C PRO A 83 -14.23 -4.38 0.80
N ASP A 84 -15.34 -4.23 1.53
CA ASP A 84 -15.40 -3.25 2.62
C ASP A 84 -14.37 -3.55 3.70
N LYS A 85 -14.12 -4.81 3.98
CA LYS A 85 -13.33 -5.19 5.16
C LYS A 85 -12.23 -6.18 4.81
N ASP A 86 -11.61 -6.02 3.65
CA ASP A 86 -10.42 -6.79 3.31
C ASP A 86 -9.56 -5.97 2.36
N CYS A 87 -8.30 -6.35 2.25
CA CYS A 87 -7.38 -5.64 1.36
C CYS A 87 -7.33 -6.32 0.01
N ARG A 88 -6.86 -5.56 -1.00
CA ARG A 88 -6.70 -6.07 -2.37
C ARG A 88 -5.59 -5.30 -3.07
N TYR A 89 -4.98 -5.95 -4.06
CA TYR A 89 -4.25 -5.22 -5.08
C TYR A 89 -5.10 -5.20 -6.34
N ALA A 90 -4.79 -4.27 -7.24
CA ALA A 90 -5.51 -4.22 -8.51
C ALA A 90 -4.63 -3.56 -9.56
N LEU A 91 -4.92 -3.88 -10.82
CA LEU A 91 -4.42 -3.12 -11.95
C LEU A 91 -5.63 -2.48 -12.62
N TYR A 92 -5.54 -1.20 -12.92
CA TYR A 92 -6.59 -0.50 -13.65
C TYR A 92 -5.94 0.21 -14.83
N ASP A 93 -6.47 -0.02 -16.03
CA ASP A 93 -5.95 0.59 -17.27
C ASP A 93 -6.74 1.87 -17.50
N ALA A 94 -6.13 3.03 -17.18
CA ALA A 94 -6.85 4.30 -17.12
C ALA A 94 -6.54 5.18 -18.34
N THR A 95 -7.58 5.74 -18.94
CA THR A 95 -7.43 6.76 -19.98
C THR A 95 -7.62 8.13 -19.36
N TYR A 96 -6.82 9.10 -19.79
CA TYR A 96 -6.90 10.44 -19.24
C TYR A 96 -6.31 11.44 -20.23
N GLU A 97 -6.65 12.70 -20.04
CA GLU A 97 -6.21 13.73 -20.98
C GLU A 97 -5.72 14.96 -20.25
N THR A 98 -4.69 15.58 -20.84
CA THR A 98 -4.24 16.93 -20.53
C THR A 98 -4.82 17.85 -21.57
N LYS A 99 -4.41 19.13 -21.56
CA LYS A 99 -4.88 20.01 -22.62
C LYS A 99 -4.34 19.60 -23.97
N GLU A 100 -3.20 18.92 -24.03
CA GLU A 100 -2.54 18.68 -25.29
C GLU A 100 -2.45 17.21 -25.70
N SER A 101 -2.79 16.28 -24.82
CA SER A 101 -2.58 14.89 -25.16
C SER A 101 -3.64 14.00 -24.50
N LYS A 102 -3.85 12.84 -25.12
CA LYS A 102 -4.66 11.79 -24.56
C LYS A 102 -3.73 10.62 -24.27
N LYS A 103 -3.84 10.05 -23.08
CA LYS A 103 -2.89 9.05 -22.63
C LYS A 103 -3.63 7.87 -22.02
N GLU A 104 -2.94 6.74 -21.95
CA GLU A 104 -3.47 5.57 -21.28
C GLU A 104 -2.34 4.93 -20.50
N ASP A 105 -2.59 4.64 -19.23
CA ASP A 105 -1.54 4.07 -18.41
C ASP A 105 -2.13 3.10 -17.41
N LEU A 106 -1.37 2.07 -17.07
CA LEU A 106 -1.72 1.16 -16.00
C LEU A 106 -1.46 1.81 -14.66
N VAL A 107 -2.38 1.60 -13.73
CA VAL A 107 -2.22 2.06 -12.36
C VAL A 107 -2.29 0.84 -11.46
N PHE A 108 -1.28 0.68 -10.61
CA PHE A 108 -1.28 -0.35 -9.56
C PHE A 108 -1.96 0.25 -8.33
N ILE A 109 -2.97 -0.43 -7.82
CA ILE A 109 -3.76 0.07 -6.71
C ILE A 109 -3.57 -0.86 -5.52
N PHE A 110 -3.32 -0.28 -4.35
CA PHE A 110 -3.34 -1.01 -3.10
C PHE A 110 -4.51 -0.49 -2.29
N TRP A 111 -5.47 -1.37 -2.02
CA TRP A 111 -6.70 -1.08 -1.29
C TRP A 111 -6.55 -1.65 0.12
N ALA A 112 -6.54 -0.79 1.14
CA ALA A 112 -6.30 -1.21 2.52
C ALA A 112 -7.25 -0.47 3.47
N PRO A 113 -8.52 -0.87 3.46
CA PRO A 113 -9.50 -0.16 4.31
C PRO A 113 -9.25 -0.38 5.79
N GLU A 114 -9.60 0.62 6.61
CA GLU A 114 -9.29 0.56 8.03
C GLU A 114 -9.93 -0.65 8.71
N SER A 115 -11.10 -1.10 8.28
CA SER A 115 -11.76 -2.18 9.01
C SER A 115 -11.30 -3.57 8.57
N ALA A 116 -10.39 -3.67 7.60
CA ALA A 116 -9.81 -4.95 7.26
C ALA A 116 -9.00 -5.49 8.43
N PRO A 117 -8.98 -6.81 8.64
CA PRO A 117 -8.24 -7.37 9.78
C PRO A 117 -6.74 -7.10 9.68
N LEU A 118 -6.15 -6.76 10.82
CA LEU A 118 -4.75 -6.30 10.83
C LEU A 118 -3.80 -7.38 10.32
N LYS A 119 -4.05 -8.63 10.68
CA LYS A 119 -3.10 -9.70 10.39
C LYS A 119 -2.88 -9.86 8.89
N SER A 120 -3.96 -10.00 8.13
CA SER A 120 -3.78 -10.17 6.70
C SER A 120 -3.45 -8.84 6.02
N LYS A 121 -3.95 -7.73 6.57
CA LYS A 121 -3.54 -6.42 6.05
C LYS A 121 -2.04 -6.24 6.09
N MET A 122 -1.38 -6.68 7.17
CA MET A 122 0.07 -6.54 7.21
C MET A 122 0.75 -7.50 6.23
N ILE A 123 0.11 -8.62 5.89
CA ILE A 123 0.68 -9.45 4.83
C ILE A 123 0.59 -8.71 3.49
N TYR A 124 -0.56 -8.10 3.22
CA TYR A 124 -0.70 -7.32 1.99
C TYR A 124 0.30 -6.17 1.97
N ALA A 125 0.42 -5.44 3.09
CA ALA A 125 1.28 -4.26 3.11
C ALA A 125 2.74 -4.65 2.90
N SER A 126 3.19 -5.73 3.56
CA SER A 126 4.58 -6.11 3.50
C SER A 126 4.92 -6.85 2.22
N SER A 127 3.92 -7.31 1.48
CA SER A 127 4.14 -8.02 0.22
C SER A 127 3.99 -7.12 -0.98
N LYS A 128 3.57 -5.87 -0.79
CA LYS A 128 3.27 -5.02 -1.93
C LYS A 128 4.52 -4.79 -2.78
N ASP A 129 5.67 -4.58 -2.14
CA ASP A 129 6.91 -4.34 -2.87
C ASP A 129 7.26 -5.51 -3.77
N ALA A 130 7.01 -6.74 -3.30
CA ALA A 130 7.38 -7.91 -4.07
C ALA A 130 6.50 -8.07 -5.30
N ILE A 131 5.20 -7.80 -5.17
CA ILE A 131 4.36 -7.93 -6.36
C ILE A 131 4.66 -6.80 -7.34
N LYS A 132 4.89 -5.60 -6.83
CA LYS A 132 5.19 -4.49 -7.73
C LYS A 132 6.47 -4.74 -8.51
N LYS A 133 7.48 -5.37 -7.89
CA LYS A 133 8.70 -5.72 -8.62
C LYS A 133 8.42 -6.68 -9.78
N LYS A 134 7.37 -7.51 -9.67
CA LYS A 134 7.03 -8.36 -10.81
C LYS A 134 6.41 -7.54 -11.93
N LEU A 135 5.72 -6.45 -11.59
CA LEU A 135 5.06 -5.61 -12.58
C LEU A 135 6.09 -4.60 -13.12
N THR A 136 7.10 -5.15 -13.79
CA THR A 136 8.19 -4.34 -14.31
C THR A 136 7.66 -3.34 -15.33
N GLY A 137 8.02 -2.07 -15.15
CA GLY A 137 7.53 -1.02 -16.00
C GLY A 137 6.30 -0.30 -15.49
N ILE A 138 5.81 -0.63 -14.29
CA ILE A 138 4.65 0.04 -13.73
C ILE A 138 5.02 1.45 -13.31
N LYS A 139 4.25 2.44 -13.76
CA LYS A 139 4.66 3.82 -13.61
C LYS A 139 3.84 4.60 -12.60
N HIS A 140 2.72 4.05 -12.13
CA HIS A 140 1.79 4.80 -11.30
C HIS A 140 1.18 3.87 -10.26
N GLU A 141 1.01 4.40 -9.05
CA GLU A 141 0.44 3.68 -7.93
C GLU A 141 -0.55 4.57 -7.21
N LEU A 142 -1.68 4.00 -6.85
CA LEU A 142 -2.62 4.69 -5.96
C LEU A 142 -2.82 3.80 -4.74
N GLN A 143 -2.59 4.33 -3.56
CA GLN A 143 -2.94 3.63 -2.33
C GLN A 143 -4.16 4.32 -1.72
N ALA A 144 -5.07 3.54 -1.17
CA ALA A 144 -6.25 4.11 -0.53
C ALA A 144 -6.61 3.28 0.69
N ASN A 145 -7.09 3.96 1.74
CA ASN A 145 -7.54 3.28 2.94
C ASN A 145 -9.01 3.57 3.25
N CYS A 146 -9.78 4.08 2.28
CA CYS A 146 -11.21 4.37 2.44
C CYS A 146 -11.82 4.68 1.07
N TYR A 147 -13.16 4.61 0.98
CA TYR A 147 -13.82 4.81 -0.31
C TYR A 147 -13.71 6.24 -0.82
N GLU A 148 -13.73 7.22 0.09
CA GLU A 148 -13.62 8.62 -0.34
C GLU A 148 -12.35 8.83 -1.13
N GLU A 149 -11.25 8.19 -0.71
CA GLU A 149 -10.00 8.34 -1.44
C GLU A 149 -10.05 7.60 -2.76
N VAL A 150 -10.52 6.35 -2.76
CA VAL A 150 -10.41 5.55 -3.98
C VAL A 150 -11.34 6.09 -5.06
N LYS A 151 -12.44 6.75 -4.68
CA LYS A 151 -13.36 7.39 -5.61
C LYS A 151 -12.95 8.81 -6.02
N ASP A 152 -11.84 9.33 -5.50
CA ASP A 152 -11.45 10.71 -5.78
C ASP A 152 -10.83 10.74 -7.17
N ARG A 153 -11.63 11.12 -8.17
CA ARG A 153 -11.09 11.13 -9.53
C ARG A 153 -9.97 12.12 -9.67
N CYS A 154 -10.03 13.23 -8.93
CA CYS A 154 -8.94 14.19 -8.94
C CYS A 154 -7.65 13.57 -8.41
N THR A 155 -7.76 12.66 -7.45
CA THR A 155 -6.56 12.05 -6.89
C THR A 155 -5.98 11.03 -7.84
N LEU A 156 -6.82 10.15 -8.41
CA LEU A 156 -6.34 9.27 -9.46
C LEU A 156 -5.74 10.08 -10.61
N ALA A 157 -6.44 11.14 -11.03
CA ALA A 157 -5.91 11.96 -12.12
C ALA A 157 -4.54 12.53 -11.78
N GLU A 158 -4.35 12.97 -10.53
CA GLU A 158 -3.05 13.49 -10.13
C GLU A 158 -2.00 12.38 -10.02
N LYS A 159 -2.39 11.18 -9.60
CA LYS A 159 -1.39 10.09 -9.59
C LYS A 159 -0.98 9.78 -11.03
N LEU A 160 -1.85 10.04 -12.01
CA LEU A 160 -1.58 9.68 -13.41
C LEU A 160 -0.71 10.71 -14.11
N GLY A 161 -0.94 12.00 -13.87
CA GLY A 161 -0.25 13.03 -14.62
C GLY A 161 -0.26 14.37 -13.93
N GLY A 162 -0.60 14.37 -12.64
CA GLY A 162 -0.51 15.60 -11.87
C GLY A 162 -1.62 16.58 -12.21
N SER A 163 -1.35 17.86 -11.97
CA SER A 163 -2.35 18.91 -12.09
C SER A 163 -2.70 19.24 -13.54
N ALA A 164 -1.92 18.76 -14.51
CA ALA A 164 -2.24 19.03 -15.90
C ALA A 164 -3.40 18.16 -16.40
N VAL A 165 -3.76 17.09 -15.69
CA VAL A 165 -4.83 16.22 -16.16
C VAL A 165 -6.17 16.90 -15.95
N ILE A 166 -6.97 16.98 -17.01
CA ILE A 166 -8.26 17.68 -16.96
C ILE A 166 -9.45 16.77 -17.24
N SER A 167 -9.22 15.55 -17.72
CA SER A 167 -10.30 14.60 -17.85
C SER A 167 -9.74 13.20 -17.62
N LEU A 168 -10.64 12.29 -17.30
CA LEU A 168 -10.24 10.97 -16.83
C LEU A 168 -11.36 9.99 -17.19
N GLU A 169 -11.00 8.89 -17.84
CA GLU A 169 -11.98 7.84 -18.11
C GLU A 169 -13.22 8.41 -18.83
N GLY A 170 -12.97 9.30 -19.78
CA GLY A 170 -14.04 9.80 -20.63
C GLY A 170 -14.93 10.87 -20.05
N LYS A 171 -14.60 11.42 -18.88
CA LYS A 171 -15.42 12.47 -18.30
C LYS A 171 -14.54 13.64 -17.90
N PRO A 172 -15.01 14.87 -18.06
CA PRO A 172 -14.26 16.01 -17.54
C PRO A 172 -14.11 15.89 -16.03
N LEU A 173 -13.02 16.47 -15.51
CA LEU A 173 -12.85 16.55 -14.08
C LEU A 173 -13.56 17.79 -13.54
N GLN B 3 0.53 18.97 4.14
CA GLN B 3 0.00 19.03 5.51
C GLN B 3 0.44 17.83 6.35
N VAL B 4 0.46 16.64 5.75
CA VAL B 4 0.78 15.44 6.53
C VAL B 4 2.27 15.38 6.82
N GLN B 5 2.63 15.13 8.08
CA GLN B 5 4.01 14.94 8.46
C GLN B 5 4.13 13.73 9.35
N LEU B 6 5.23 13.00 9.19
CA LEU B 6 5.58 11.84 10.00
C LEU B 6 7.02 12.04 10.40
N VAL B 7 7.29 12.43 11.64
CA VAL B 7 8.64 12.84 12.03
C VAL B 7 9.17 11.84 13.06
N GLU B 8 10.03 10.94 12.61
CA GLU B 8 10.66 9.97 13.50
C GLU B 8 11.87 10.55 14.23
N SER B 9 12.07 10.06 15.46
CA SER B 9 13.21 10.47 16.27
C SER B 9 13.48 9.37 17.27
N GLY B 10 14.58 9.52 18.00
CA GLY B 10 14.91 8.60 19.06
C GLY B 10 15.96 7.59 18.69
N GLY B 11 16.40 7.56 17.45
CA GLY B 11 17.41 6.59 17.04
C GLY B 11 18.77 6.99 17.60
N GLY B 12 19.75 6.12 17.40
CA GLY B 12 21.05 6.36 17.95
C GLY B 12 21.89 5.11 17.88
N LEU B 13 23.08 5.21 18.51
CA LEU B 13 24.03 4.07 18.56
C LEU B 13 23.84 3.39 19.92
N VAL B 14 23.61 2.09 19.91
CA VAL B 14 23.29 1.36 21.16
C VAL B 14 24.13 0.08 21.23
N GLN B 15 24.52 -0.31 22.44
CA GLN B 15 25.25 -1.57 22.63
C GLN B 15 24.29 -2.73 22.46
N ALA B 16 24.76 -3.78 21.78
CA ALA B 16 23.92 -4.97 21.68
C ALA B 16 23.45 -5.38 23.06
N GLY B 17 22.16 -5.77 23.14
CA GLY B 17 21.51 -6.09 24.40
C GLY B 17 20.79 -4.91 25.03
N GLY B 18 21.05 -3.70 24.54
CA GLY B 18 20.43 -2.50 25.05
C GLY B 18 19.00 -2.27 24.56
N SER B 19 18.45 -1.13 25.00
CA SER B 19 17.06 -0.75 24.76
C SER B 19 17.05 0.64 24.12
N LEU B 20 16.01 0.91 23.34
CA LEU B 20 15.82 2.21 22.73
C LEU B 20 14.33 2.40 22.50
N ARG B 21 13.83 3.64 22.61
CA ARG B 21 12.45 3.92 22.24
C ARG B 21 12.44 4.92 21.10
N LEU B 22 11.81 4.55 19.98
CA LEU B 22 11.61 5.46 18.87
C LEU B 22 10.26 6.14 19.01
N SER B 23 10.15 7.35 18.47
CA SER B 23 8.91 8.11 18.43
C SER B 23 8.66 8.60 17.02
N CYS B 24 7.38 8.69 16.65
CA CYS B 24 6.99 9.34 15.42
C CYS B 24 5.94 10.38 15.80
N ALA B 25 6.27 11.65 15.61
CA ALA B 25 5.35 12.74 15.87
C ALA B 25 4.64 13.05 14.56
N ALA B 26 3.32 12.87 14.53
CA ALA B 26 2.53 13.03 13.31
C ALA B 26 1.73 14.31 13.37
N SER B 27 1.47 14.88 12.20
CA SER B 27 0.57 16.02 12.10
C SER B 27 -0.21 15.90 10.79
N GLY B 28 -1.37 16.54 10.77
CA GLY B 28 -2.23 16.54 9.61
C GLY B 28 -3.30 15.47 9.60
N PHE B 29 -3.27 14.55 10.55
CA PHE B 29 -4.21 13.44 10.63
C PHE B 29 -4.12 12.85 12.04
N PRO B 30 -5.17 12.14 12.51
CA PRO B 30 -5.10 11.53 13.85
C PRO B 30 -4.54 10.12 13.80
N VAL B 31 -3.49 9.87 14.59
CA VAL B 31 -2.86 8.54 14.53
C VAL B 31 -3.84 7.45 14.95
N ASN B 32 -4.86 7.79 15.76
CA ASN B 32 -5.77 6.74 16.19
C ASN B 32 -6.83 6.42 15.14
N HIS B 33 -6.82 7.13 14.01
CA HIS B 33 -7.74 6.84 12.90
C HIS B 33 -7.07 6.16 11.72
N ARG B 34 -5.77 5.87 11.83
CA ARG B 34 -5.02 5.17 10.80
C ARG B 34 -4.36 3.94 11.40
N THR B 35 -4.02 2.99 10.54
CA THR B 35 -3.22 1.84 10.92
C THR B 35 -1.76 2.23 10.79
N MET B 36 -1.07 2.37 11.92
CA MET B 36 0.29 2.87 11.92
C MET B 36 1.24 1.69 11.99
N ALA B 37 2.31 1.72 11.19
CA ALA B 37 3.24 0.60 11.15
C ALA B 37 4.67 1.12 11.12
N TRP B 38 5.56 0.37 11.74
CA TRP B 38 6.99 0.63 11.66
C TRP B 38 7.59 -0.37 10.69
N TYR B 39 8.43 0.12 9.77
CA TYR B 39 9.27 -0.76 8.99
C TYR B 39 10.68 -0.20 9.02
N ARG B 40 11.62 -1.03 8.63
CA ARG B 40 13.01 -0.63 8.67
C ARG B 40 13.67 -1.01 7.36
N GLN B 41 14.69 -0.23 7.00
CA GLN B 41 15.37 -0.49 5.74
C GLN B 41 16.87 -0.35 5.95
N ALA B 42 17.59 -1.37 5.64
CA ALA B 42 19.03 -1.43 5.55
C ALA B 42 19.45 -1.11 4.13
N PRO B 43 20.59 -0.44 3.95
CA PRO B 43 21.03 -0.08 2.59
C PRO B 43 21.20 -1.33 1.73
N GLY B 44 20.70 -1.24 0.50
CA GLY B 44 20.75 -2.34 -0.44
C GLY B 44 19.82 -3.49 -0.16
N LYS B 45 18.94 -3.37 0.82
CA LYS B 45 18.05 -4.46 1.20
C LYS B 45 16.59 -4.03 1.07
N GLU B 46 15.72 -5.03 1.02
CA GLU B 46 14.29 -4.78 0.98
C GLU B 46 13.79 -4.31 2.34
N ARG B 47 12.71 -3.51 2.33
CA ARG B 47 12.10 -3.07 3.57
C ARG B 47 11.65 -4.28 4.39
N GLU B 48 11.78 -4.19 5.70
CA GLU B 48 11.25 -5.22 6.58
C GLU B 48 10.22 -4.55 7.50
N TRP B 49 8.95 -4.96 7.36
CA TRP B 49 7.91 -4.44 8.24
C TRP B 49 7.98 -5.16 9.58
N VAL B 50 7.97 -4.41 10.68
CA VAL B 50 8.24 -5.05 11.97
C VAL B 50 7.11 -4.95 12.98
N ALA B 51 6.29 -3.89 12.90
CA ALA B 51 5.25 -3.75 13.93
C ALA B 51 4.13 -2.87 13.40
N ALA B 52 2.90 -3.14 13.84
CA ALA B 52 1.79 -2.28 13.43
C ALA B 52 0.71 -2.25 14.51
N ILE B 53 -0.06 -1.17 14.52
CA ILE B 53 -1.16 -1.01 15.47
C ILE B 53 -2.39 -0.52 14.70
N GLU B 54 -3.53 -1.21 14.90
CA GLU B 54 -4.69 -0.88 14.08
C GLU B 54 -5.27 0.47 14.48
N SER B 55 -6.08 1.03 13.61
CA SER B 55 -6.85 2.23 13.92
C SER B 55 -8.00 1.91 14.87
N HIS B 56 -8.46 2.95 15.58
CA HIS B 56 -9.55 2.91 16.57
C HIS B 56 -9.19 1.96 17.72
N GLY B 57 -9.43 0.66 17.59
CA GLY B 57 -8.89 -0.32 18.52
C GLY B 57 -7.38 -0.27 18.68
N GLN B 58 -6.80 -1.15 19.48
CA GLN B 58 -5.35 -1.19 19.55
C GLN B 58 -4.79 -2.57 19.31
N GLU B 59 -5.41 -3.36 18.44
CA GLU B 59 -4.83 -4.63 18.07
C GLU B 59 -3.46 -4.39 17.46
N THR B 60 -2.50 -5.25 17.79
CA THR B 60 -1.14 -5.11 17.30
C THR B 60 -0.72 -6.32 16.46
N TRP B 61 0.33 -6.08 15.66
CA TRP B 61 0.96 -7.09 14.82
C TRP B 61 2.46 -6.92 14.93
N TYR B 62 3.19 -8.04 14.99
CA TYR B 62 4.65 -7.98 15.05
C TYR B 62 5.23 -9.03 14.10
N ALA B 63 6.30 -8.64 13.41
CA ALA B 63 7.06 -9.61 12.63
C ALA B 63 7.70 -10.64 13.56
N ASP B 64 7.88 -11.86 13.05
CA ASP B 64 8.55 -12.90 13.83
C ASP B 64 9.95 -12.47 14.26
N SER B 65 10.63 -11.64 13.46
CA SER B 65 12.00 -11.24 13.76
C SER B 65 12.12 -10.34 14.99
N VAL B 66 11.03 -9.71 15.43
CA VAL B 66 11.06 -8.82 16.58
C VAL B 66 10.09 -9.22 17.68
N LYS B 67 9.38 -10.34 17.51
CA LYS B 67 8.46 -10.83 18.53
C LYS B 67 9.21 -11.07 19.84
N GLY B 68 8.57 -10.66 20.92
CA GLY B 68 9.18 -10.77 22.22
C GLY B 68 10.21 -9.71 22.56
N ARG B 69 10.51 -8.77 21.64
CA ARG B 69 11.52 -7.75 21.93
C ARG B 69 11.01 -6.34 21.71
N PHE B 70 10.07 -6.14 20.77
CA PHE B 70 9.56 -4.81 20.45
C PHE B 70 8.10 -4.66 20.87
N THR B 71 7.72 -3.44 21.24
CA THR B 71 6.32 -3.10 21.53
C THR B 71 5.98 -1.82 20.79
N ILE B 72 4.84 -1.82 20.11
CA ILE B 72 4.34 -0.61 19.47
C ILE B 72 3.19 -0.07 20.31
N SER B 73 3.10 1.26 20.38
CA SER B 73 2.03 1.91 21.13
C SER B 73 1.79 3.28 20.52
N ARG B 74 0.75 3.96 21.01
CA ARG B 74 0.54 5.33 20.56
C ARG B 74 -0.03 6.13 21.73
N ASP B 75 0.17 7.44 21.66
CA ASP B 75 -0.45 8.39 22.58
C ASP B 75 -1.35 9.27 21.71
N ASN B 76 -2.67 9.08 21.83
CA ASN B 76 -3.61 9.78 20.96
C ASN B 76 -3.51 11.28 21.18
N ALA B 77 -3.31 11.71 22.42
CA ALA B 77 -3.37 13.13 22.74
C ALA B 77 -2.15 13.85 22.18
N LYS B 78 -1.00 13.18 22.22
CA LYS B 78 0.23 13.71 21.63
C LYS B 78 0.32 13.45 20.15
N ASN B 79 -0.60 12.68 19.58
CA ASN B 79 -0.58 12.28 18.18
C ASN B 79 0.78 11.69 17.81
N THR B 80 1.27 10.77 18.65
CA THR B 80 2.60 10.19 18.50
C THR B 80 2.50 8.67 18.54
N VAL B 81 3.34 8.00 17.75
CA VAL B 81 3.45 6.54 17.77
C VAL B 81 4.84 6.18 18.27
N TYR B 82 4.93 5.10 19.06
CA TYR B 82 6.21 4.69 19.65
C TYR B 82 6.61 3.28 19.26
N LEU B 83 7.92 3.02 19.29
CA LEU B 83 8.42 1.65 19.14
C LEU B 83 9.42 1.43 20.26
N GLN B 84 9.02 0.67 21.28
CA GLN B 84 9.94 0.30 22.36
C GLN B 84 10.74 -0.93 21.93
N MET B 85 12.07 -0.82 21.95
CA MET B 85 12.94 -1.92 21.53
C MET B 85 13.80 -2.38 22.71
N ASN B 86 13.81 -3.69 22.95
CA ASN B 86 14.66 -4.29 23.98
C ASN B 86 15.52 -5.36 23.33
N SER B 87 16.60 -5.71 24.02
CA SER B 87 17.48 -6.81 23.59
C SER B 87 17.91 -6.62 22.14
N LEU B 88 18.37 -5.41 21.83
CA LEU B 88 18.76 -5.09 20.46
C LEU B 88 19.97 -5.89 20.02
N LYS B 89 20.02 -6.17 18.72
CA LYS B 89 21.04 -7.00 18.08
C LYS B 89 21.61 -6.22 16.90
N PRO B 90 22.84 -6.55 16.47
CA PRO B 90 23.39 -5.93 15.25
C PRO B 90 22.46 -6.04 14.05
N GLU B 91 21.73 -7.15 13.93
CA GLU B 91 20.79 -7.33 12.82
C GLU B 91 19.64 -6.32 12.82
N ASP B 92 19.44 -5.55 13.90
CA ASP B 92 18.42 -4.52 13.97
C ASP B 92 18.88 -3.18 13.41
N THR B 93 20.16 -3.05 13.05
CA THR B 93 20.68 -1.81 12.48
C THR B 93 19.97 -1.48 11.17
N ALA B 94 19.36 -0.30 11.10
CA ALA B 94 18.58 0.10 9.93
C ALA B 94 18.05 1.52 10.18
N VAL B 95 17.51 2.13 9.12
CA VAL B 95 16.66 3.32 9.24
C VAL B 95 15.23 2.85 9.49
N TYR B 96 14.59 3.41 10.51
CA TYR B 96 13.24 3.02 10.90
C TYR B 96 12.24 4.11 10.52
N TYR B 97 11.12 3.68 9.92
CA TYR B 97 10.10 4.59 9.40
C TYR B 97 8.77 4.22 10.03
N CYS B 98 7.96 5.23 10.31
CA CYS B 98 6.60 5.01 10.82
C CYS B 98 5.62 5.56 9.80
N VAL B 99 4.75 4.69 9.26
CA VAL B 99 3.89 5.06 8.13
C VAL B 99 2.44 4.74 8.43
N ARG B 100 1.55 5.38 7.64
CA ARG B 100 0.15 4.97 7.57
C ARG B 100 0.01 3.88 6.51
N VAL B 101 -0.54 2.73 6.91
CA VAL B 101 -0.80 1.67 5.93
C VAL B 101 -1.86 2.15 4.95
N GLY B 102 -1.59 1.98 3.66
CA GLY B 102 -2.54 2.45 2.65
C GLY B 102 -2.38 3.91 2.28
N ALA B 103 -1.30 4.55 2.69
CA ALA B 103 -0.97 5.88 2.21
C ALA B 103 0.48 5.87 1.79
N GLU B 104 0.72 6.62 0.72
CA GLU B 104 1.99 6.72 -0.01
CA GLU B 104 2.02 6.58 0.07
C GLU B 104 3.08 7.42 0.78
N TYR B 105 2.72 8.46 1.51
CA TYR B 105 3.74 9.37 2.02
C TYR B 105 4.56 8.74 3.14
N VAL B 106 5.88 9.02 3.14
CA VAL B 106 6.80 8.51 4.15
C VAL B 106 7.69 9.64 4.61
N GLY B 107 8.03 9.66 5.90
CA GLY B 107 8.98 10.60 6.44
C GLY B 107 10.42 10.22 6.13
N GLN B 108 11.34 10.85 6.85
CA GLN B 108 12.77 10.65 6.61
C GLN B 108 13.37 9.53 7.45
N GLY B 109 12.67 9.07 8.47
CA GLY B 109 13.13 7.95 9.27
C GLY B 109 14.13 8.36 10.33
N THR B 110 14.52 7.39 11.14
CA THR B 110 15.53 7.59 12.18
C THR B 110 16.49 6.41 12.17
N GLN B 111 17.78 6.72 12.20
CA GLN B 111 18.81 5.68 12.13
C GLN B 111 19.03 5.03 13.49
N VAL B 112 19.01 3.69 13.49
CA VAL B 112 19.35 2.86 14.64
C VAL B 112 20.57 2.04 14.29
N THR B 113 21.62 2.14 15.11
CA THR B 113 22.84 1.38 14.89
C THR B 113 23.17 0.63 16.18
N VAL B 114 23.32 -0.69 16.07
CA VAL B 114 23.56 -1.54 17.23
C VAL B 114 24.95 -2.12 17.09
N SER B 115 25.83 -1.80 18.02
CA SER B 115 27.20 -2.26 17.92
C SER B 115 27.34 -3.57 18.70
N ALA B 116 28.03 -4.54 18.10
CA ALA B 116 28.10 -5.90 18.65
C ALA B 116 28.77 -5.95 20.00
#